data_3FT2
#
_entry.id   3FT2
#
_cell.length_a   54.369
_cell.length_b   80.104
_cell.length_c   57.985
_cell.angle_alpha   90.00
_cell.angle_beta   114.59
_cell.angle_gamma   90.00
#
_symmetry.space_group_name_H-M   'P 1 21 1'
#
loop_
_entity.id
_entity.type
_entity.pdbx_description
1 polymer 'HLA class I histocompatibility antigen, A-2 alpha chain'
2 polymer Beta-2-microglobulin
3 polymer 'citrulline variant HA-1 peptide'
4 water water
#
loop_
_entity_poly.entity_id
_entity_poly.type
_entity_poly.pdbx_seq_one_letter_code
_entity_poly.pdbx_strand_id
1 'polypeptide(L)'
;GSHSMRYFFTSVSRPGRGEPRFIAVGYVDDTQFVRFDSDAASQRMEPRAPWIEQEGPEYWDGETRKVKAHSQTHRVDLGT
LRGYYNQSEAGSHTVQRMYGCDVGSDWRFLRGYHQYAYDGKDYIALKEDLRSWTAADMAAQTTKHKWEAAHVAEQLRAYL
EGTCVEWLRRYLENGKETLQRTDAPKTHMTHHAVSDHEATLRCWALSFYPAEITLTWQRDGEDQTQDTELVETRPAGDGT
FQKWVAVVVPSGQEQRYTCHVQHEGLPKPLTLRWE
;
A
2 'polypeptide(L)'
;MIQRTPKIQVYSRHPAENGKSNFLNCYVSGFHPSDIEVDLLKNGERIEKVEHSDLSFSKDWSFYLLYYTEFTPTEKDEYA
CRVNHVTLSQPKIVKWDRDM
;
B
3 'polypeptide(L)' VL(CIR)DDLLEA P
#
# COMPACT_ATOMS: atom_id res chain seq x y z
N GLY A 1 19.84 -3.69 -3.87
CA GLY A 1 19.54 -5.15 -3.94
C GLY A 1 19.07 -5.70 -2.60
N SER A 2 18.64 -4.81 -1.70
CA SER A 2 18.00 -5.22 -0.44
C SER A 2 16.50 -5.47 -0.60
N HIS A 3 15.94 -6.31 0.27
CA HIS A 3 14.58 -6.82 0.08
C HIS A 3 13.84 -6.92 1.40
N SER A 4 12.52 -7.10 1.32
CA SER A 4 11.67 -7.20 2.49
CA SER A 4 11.70 -7.24 2.51
C SER A 4 10.58 -8.24 2.28
N MET A 5 10.16 -8.88 3.38
CA MET A 5 8.89 -9.63 3.41
C MET A 5 8.01 -9.02 4.51
N ARG A 6 6.74 -8.76 4.21
CA ARG A 6 5.86 -8.19 5.22
C ARG A 6 4.48 -8.80 5.08
N TYR A 7 3.88 -9.09 6.23
CA TYR A 7 2.45 -9.43 6.26
C TYR A 7 1.64 -8.36 6.98
N PHE A 8 0.44 -8.10 6.47
CA PHE A 8 -0.46 -7.04 6.98
C PHE A 8 -1.79 -7.71 7.28
N PHE A 9 -2.37 -7.38 8.44
CA PHE A 9 -3.62 -8.01 8.90
C PHE A 9 -4.55 -6.93 9.40
N THR A 10 -5.82 -6.98 8.98
CA THR A 10 -6.83 -6.05 9.44
C THR A 10 -8.03 -6.86 9.88
N SER A 11 -8.46 -6.64 11.12
CA SER A 11 -9.69 -7.24 11.64
CA SER A 11 -9.69 -7.23 11.65
C SER A 11 -10.64 -6.14 12.10
N VAL A 12 -11.90 -6.22 11.65
CA VAL A 12 -12.89 -5.18 11.94
C VAL A 12 -14.13 -5.85 12.54
N SER A 13 -14.46 -5.49 13.78
CA SER A 13 -15.58 -6.14 14.46
C SER A 13 -16.92 -5.74 13.83
N ARG A 14 -17.89 -6.64 13.96
CA ARG A 14 -19.21 -6.51 13.38
C ARG A 14 -20.16 -6.82 14.53
N PRO A 15 -20.43 -5.82 15.39
CA PRO A 15 -21.09 -6.04 16.68
C PRO A 15 -22.50 -6.66 16.61
N GLY A 16 -23.25 -6.36 15.57
CA GLY A 16 -24.63 -6.86 15.46
C GLY A 16 -24.77 -8.37 15.26
N ARG A 17 -23.83 -8.97 14.52
CA ARG A 17 -23.86 -10.40 14.26
C ARG A 17 -22.54 -10.94 13.72
N GLY A 18 -22.08 -12.04 14.32
CA GLY A 18 -20.97 -12.84 13.79
C GLY A 18 -19.56 -12.34 14.07
N GLU A 19 -18.60 -12.94 13.36
CA GLU A 19 -17.18 -12.70 13.60
C GLU A 19 -16.68 -11.50 12.80
N PRO A 20 -15.52 -10.94 13.17
CA PRO A 20 -15.00 -9.79 12.44
C PRO A 20 -14.69 -10.09 10.98
N ARG A 21 -14.68 -9.04 10.17
CA ARG A 21 -14.13 -9.12 8.83
C ARG A 21 -12.60 -9.16 8.96
N PHE A 22 -11.99 -10.20 8.42
CA PHE A 22 -10.52 -10.37 8.53
C PHE A 22 -9.90 -10.41 7.14
N ILE A 23 -8.89 -9.57 6.90
CA ILE A 23 -8.16 -9.56 5.63
C ILE A 23 -6.66 -9.60 5.92
N ALA A 24 -5.98 -10.59 5.35
CA ALA A 24 -4.53 -10.71 5.48
C ALA A 24 -3.89 -10.68 4.09
N VAL A 25 -2.79 -9.94 3.96
CA VAL A 25 -2.03 -9.86 2.71
C VAL A 25 -0.54 -10.02 2.99
N GLY A 26 0.17 -10.71 2.10
CA GLY A 26 1.65 -10.84 2.19
C GLY A 26 2.31 -10.20 0.99
N TYR A 27 3.44 -9.52 1.25
CA TYR A 27 4.23 -8.85 0.23
C TYR A 27 5.68 -9.30 0.28
N VAL A 28 6.30 -9.39 -0.89
CA VAL A 28 7.78 -9.36 -0.98
C VAL A 28 8.09 -8.05 -1.67
N ASP A 29 8.90 -7.20 -1.03
CA ASP A 29 9.12 -5.82 -1.48
C ASP A 29 7.76 -5.18 -1.78
N ASP A 30 7.54 -4.67 -3.00
CA ASP A 30 6.29 -4.04 -3.38
C ASP A 30 5.31 -4.95 -4.17
N THR A 31 5.49 -6.26 -4.06
CA THR A 31 4.70 -7.26 -4.79
C THR A 31 3.87 -8.09 -3.82
N GLN A 32 2.54 -7.97 -3.90
CA GLN A 32 1.66 -8.82 -3.11
C GLN A 32 1.74 -10.24 -3.67
N PHE A 33 1.84 -11.24 -2.79
CA PHE A 33 1.95 -12.63 -3.26
C PHE A 33 0.92 -13.59 -2.69
N VAL A 34 0.32 -13.26 -1.54
CA VAL A 34 -0.75 -14.08 -0.96
C VAL A 34 -1.82 -13.19 -0.34
N ARG A 35 -3.02 -13.75 -0.22
CA ARG A 35 -4.12 -13.10 0.49
C ARG A 35 -5.07 -14.09 1.16
N PHE A 36 -5.74 -13.61 2.21
CA PHE A 36 -6.89 -14.30 2.81
C PHE A 36 -7.97 -13.26 3.09
N ASP A 37 -9.21 -13.56 2.73
CA ASP A 37 -10.33 -12.66 3.03
C ASP A 37 -11.41 -13.52 3.64
N SER A 38 -11.77 -13.23 4.88
CA SER A 38 -12.78 -14.01 5.57
C SER A 38 -14.13 -14.01 4.85
N ASP A 39 -14.38 -12.99 4.04
CA ASP A 39 -15.64 -12.88 3.31
C ASP A 39 -15.70 -13.76 2.06
N ALA A 40 -14.54 -14.23 1.59
CA ALA A 40 -14.48 -15.03 0.35
C ALA A 40 -14.86 -16.49 0.62
N ALA A 41 -15.26 -17.21 -0.43
CA ALA A 41 -15.84 -18.57 -0.26
C ALA A 41 -14.82 -19.67 0.03
N SER A 42 -13.62 -19.54 -0.53
CA SER A 42 -12.60 -20.57 -0.41
C SER A 42 -12.19 -20.91 1.03
N GLN A 43 -12.10 -19.88 1.88
CA GLN A 43 -11.57 -20.06 3.23
C GLN A 43 -10.17 -20.69 3.14
N ARG A 44 -9.45 -20.30 2.09
CA ARG A 44 -8.05 -20.67 1.90
C ARG A 44 -7.19 -19.42 1.73
N MET A 45 -5.94 -19.50 2.19
CA MET A 45 -4.91 -18.62 1.71
C MET A 45 -4.81 -18.83 0.20
N GLU A 46 -4.84 -17.73 -0.55
CA GLU A 46 -4.82 -17.76 -2.03
C GLU A 46 -3.56 -17.13 -2.63
N PRO A 47 -3.03 -17.70 -3.74
CA PRO A 47 -1.91 -17.05 -4.43
C PRO A 47 -2.29 -15.76 -5.18
N ARG A 48 -1.35 -14.81 -5.21
CA ARG A 48 -1.51 -13.55 -5.94
C ARG A 48 -0.30 -13.20 -6.83
N ALA A 49 0.70 -14.08 -6.83
CA ALA A 49 1.85 -13.95 -7.71
C ALA A 49 2.13 -15.33 -8.33
N PRO A 50 2.42 -15.37 -9.64
CA PRO A 50 2.69 -16.64 -10.33
C PRO A 50 3.74 -17.50 -9.63
N TRP A 51 4.80 -16.87 -9.12
CA TRP A 51 5.91 -17.60 -8.51
C TRP A 51 5.59 -18.30 -7.19
N ILE A 52 4.49 -17.94 -6.53
CA ILE A 52 4.09 -18.65 -5.31
C ILE A 52 3.22 -19.88 -5.65
N GLU A 53 2.70 -19.90 -6.86
CA GLU A 53 1.90 -21.04 -7.32
C GLU A 53 2.78 -22.29 -7.52
N GLN A 54 4.09 -22.09 -7.55
CA GLN A 54 5.07 -23.16 -7.54
C GLN A 54 4.97 -24.00 -6.26
N GLU A 55 4.48 -23.41 -5.18
CA GLU A 55 4.35 -24.12 -3.91
C GLU A 55 3.23 -25.15 -3.96
N GLY A 56 3.46 -26.28 -3.30
CA GLY A 56 2.54 -27.42 -3.34
C GLY A 56 1.45 -27.41 -2.29
N PRO A 57 0.59 -28.44 -2.28
CA PRO A 57 -0.59 -28.50 -1.42
C PRO A 57 -0.27 -28.36 0.07
N GLU A 58 0.88 -28.88 0.49
CA GLU A 58 1.30 -28.82 1.88
CA GLU A 58 1.29 -28.82 1.89
C GLU A 58 1.50 -27.36 2.28
N TYR A 59 2.04 -26.57 1.36
CA TYR A 59 2.29 -25.16 1.62
C TYR A 59 0.96 -24.46 1.90
N TRP A 60 0.02 -24.64 0.99
CA TRP A 60 -1.29 -24.01 1.08
C TRP A 60 -2.10 -24.47 2.29
N ASP A 61 -2.02 -25.76 2.62
CA ASP A 61 -2.66 -26.26 3.84
C ASP A 61 -2.10 -25.58 5.10
N GLY A 62 -0.77 -25.46 5.18
CA GLY A 62 -0.11 -24.86 6.34
C GLY A 62 -0.44 -23.40 6.52
N GLU A 63 -0.43 -22.66 5.40
CA GLU A 63 -0.69 -21.22 5.44
C GLU A 63 -2.16 -20.93 5.78
N THR A 64 -3.04 -21.81 5.31
CA THR A 64 -4.47 -21.69 5.62
C THR A 64 -4.72 -21.90 7.10
N ARG A 65 -4.15 -22.97 7.65
CA ARG A 65 -4.25 -23.26 9.09
C ARG A 65 -3.80 -22.04 9.92
N LYS A 66 -2.60 -21.52 9.58
CA LYS A 66 -2.00 -20.39 10.27
C LYS A 66 -2.80 -19.09 10.18
N VAL A 67 -3.23 -18.73 8.98
CA VAL A 67 -3.99 -17.50 8.79
C VAL A 67 -5.36 -17.56 9.51
N LYS A 68 -5.98 -18.75 9.53
CA LYS A 68 -7.21 -18.93 10.29
C LYS A 68 -6.97 -18.73 11.80
N ALA A 69 -5.85 -19.25 12.30
CA ALA A 69 -5.45 -19.05 13.70
C ALA A 69 -5.15 -17.58 14.01
N HIS A 70 -4.53 -16.89 13.05
CA HIS A 70 -4.27 -15.45 13.19
C HIS A 70 -5.62 -14.72 13.34
N SER A 71 -6.62 -15.14 12.56
CA SER A 71 -7.93 -14.46 12.59
C SER A 71 -8.62 -14.63 13.92
N GLN A 72 -8.48 -15.81 14.51
CA GLN A 72 -9.03 -16.07 15.84
C GLN A 72 -8.36 -15.18 16.90
N THR A 73 -7.03 -15.12 16.89
CA THR A 73 -6.30 -14.25 17.82
C THR A 73 -6.80 -12.80 17.79
N HIS A 74 -6.97 -12.23 16.60
CA HIS A 74 -7.42 -10.86 16.49
C HIS A 74 -8.88 -10.70 16.91
N ARG A 75 -9.68 -11.74 16.68
CA ARG A 75 -11.06 -11.72 17.17
C ARG A 75 -11.10 -11.58 18.69
N VAL A 76 -10.32 -12.42 19.36
CA VAL A 76 -10.22 -12.40 20.82
C VAL A 76 -9.70 -11.02 21.27
N ASP A 77 -8.63 -10.55 20.64
CA ASP A 77 -8.05 -9.23 20.94
C ASP A 77 -9.06 -8.09 20.85
N LEU A 78 -9.90 -8.08 19.82
CA LEU A 78 -10.95 -7.07 19.72
C LEU A 78 -11.81 -7.03 21.00
N GLY A 79 -12.09 -8.19 21.59
CA GLY A 79 -12.92 -8.25 22.80
C GLY A 79 -12.14 -7.80 24.01
N THR A 80 -10.91 -8.29 24.10
CA THR A 80 -10.00 -7.94 25.19
C THR A 80 -9.76 -6.43 25.25
N LEU A 81 -9.41 -5.83 24.11
CA LEU A 81 -9.11 -4.41 24.06
C LEU A 81 -10.33 -3.53 24.32
N ARG A 82 -11.50 -3.99 23.87
CA ARG A 82 -12.76 -3.32 24.19
C ARG A 82 -12.89 -3.19 25.71
N GLY A 83 -12.52 -4.27 26.40
CA GLY A 83 -12.50 -4.34 27.87
C GLY A 83 -11.48 -3.41 28.48
N TYR A 84 -10.22 -3.50 28.02
CA TYR A 84 -9.15 -2.60 28.50
C TYR A 84 -9.55 -1.12 28.43
N TYR A 85 -10.23 -0.75 27.34
CA TYR A 85 -10.60 0.64 27.06
C TYR A 85 -12.00 1.00 27.56
N ASN A 86 -12.63 0.06 28.26
CA ASN A 86 -13.99 0.24 28.80
C ASN A 86 -15.01 0.74 27.76
N GLN A 87 -15.01 0.13 26.57
CA GLN A 87 -15.91 0.54 25.48
C GLN A 87 -17.11 -0.38 25.42
N SER A 88 -18.22 0.13 24.89
CA SER A 88 -19.44 -0.66 24.80
C SER A 88 -19.35 -1.72 23.71
N GLU A 89 -20.21 -2.73 23.79
CA GLU A 89 -20.30 -3.78 22.76
C GLU A 89 -20.94 -3.29 21.46
N ALA A 90 -21.30 -2.01 21.40
CA ALA A 90 -22.09 -1.46 20.30
C ALA A 90 -21.33 -1.02 19.04
N GLY A 91 -20.13 -0.46 19.21
CA GLY A 91 -19.40 0.11 18.08
C GLY A 91 -18.51 -0.89 17.36
N SER A 92 -18.21 -0.59 16.09
CA SER A 92 -17.22 -1.35 15.33
C SER A 92 -15.84 -0.83 15.68
N HIS A 93 -14.90 -1.74 15.88
CA HIS A 93 -13.51 -1.39 16.16
C HIS A 93 -12.57 -2.15 15.23
N THR A 94 -11.33 -1.67 15.15
CA THR A 94 -10.34 -2.23 14.21
C THR A 94 -9.02 -2.55 14.90
N VAL A 95 -8.49 -3.75 14.64
CA VAL A 95 -7.08 -4.04 14.97
C VAL A 95 -6.26 -4.27 13.69
N GLN A 96 -5.04 -3.76 13.68
CA GLN A 96 -4.13 -3.89 12.55
C GLN A 96 -2.78 -4.33 13.06
N ARG A 97 -2.15 -5.26 12.35
CA ARG A 97 -0.84 -5.80 12.73
C ARG A 97 0.00 -5.90 11.46
N MET A 98 1.30 -5.59 11.57
CA MET A 98 2.22 -5.81 10.47
C MET A 98 3.44 -6.45 11.04
N TYR A 99 3.96 -7.46 10.36
CA TYR A 99 5.26 -8.01 10.78
C TYR A 99 6.06 -8.48 9.59
N GLY A 100 7.37 -8.61 9.79
CA GLY A 100 8.23 -9.09 8.72
C GLY A 100 9.68 -8.68 8.92
N CYS A 101 10.48 -8.94 7.89
CA CYS A 101 11.93 -8.79 7.94
C CYS A 101 12.49 -8.09 6.72
N ASP A 102 13.62 -7.41 6.90
CA ASP A 102 14.39 -6.80 5.84
C ASP A 102 15.71 -7.57 5.76
N VAL A 103 16.20 -7.77 4.55
CA VAL A 103 17.55 -8.29 4.36
C VAL A 103 18.35 -7.28 3.55
N GLY A 104 19.67 -7.29 3.72
CA GLY A 104 20.52 -6.39 2.92
C GLY A 104 20.81 -7.01 1.57
N SER A 105 21.73 -6.38 0.83
CA SER A 105 22.21 -6.89 -0.46
C SER A 105 22.78 -8.31 -0.40
N ASP A 106 23.25 -8.70 0.78
CA ASP A 106 23.76 -10.05 1.03
C ASP A 106 22.64 -11.07 1.29
N TRP A 107 21.41 -10.60 1.33
CA TRP A 107 20.23 -11.43 1.60
C TRP A 107 20.29 -12.06 2.98
N ARG A 108 21.00 -11.39 3.89
CA ARG A 108 21.03 -11.80 5.29
C ARG A 108 20.26 -10.81 6.17
N PHE A 109 19.79 -11.28 7.32
CA PHE A 109 19.02 -10.46 8.25
C PHE A 109 19.57 -9.07 8.50
N LEU A 110 18.70 -8.08 8.38
CA LEU A 110 19.06 -6.70 8.65
C LEU A 110 18.19 -6.13 9.79
N ARG A 111 16.88 -6.28 9.66
CA ARG A 111 15.91 -5.68 10.59
C ARG A 111 14.66 -6.52 10.66
N GLY A 112 14.00 -6.53 11.82
CA GLY A 112 12.70 -7.14 11.99
C GLY A 112 11.69 -6.13 12.50
N TYR A 113 10.40 -6.43 12.29
CA TYR A 113 9.30 -5.56 12.69
C TYR A 113 8.14 -6.40 13.21
N HIS A 114 7.49 -5.91 14.25
CA HIS A 114 6.24 -6.51 14.71
C HIS A 114 5.48 -5.40 15.41
N GLN A 115 4.44 -4.90 14.78
CA GLN A 115 3.71 -3.73 15.27
C GLN A 115 2.21 -3.94 15.23
N TYR A 116 1.51 -3.26 16.14
CA TYR A 116 0.08 -3.51 16.35
CA TYR A 116 0.09 -3.50 16.38
C TYR A 116 -0.63 -2.19 16.66
N ALA A 117 -1.82 -1.99 16.08
CA ALA A 117 -2.60 -0.76 16.26
C ALA A 117 -4.04 -1.10 16.61
N TYR A 118 -4.67 -0.23 17.42
CA TYR A 118 -6.08 -0.34 17.73
C TYR A 118 -6.78 0.94 17.30
N ASP A 119 -7.85 0.80 16.51
CA ASP A 119 -8.56 1.94 15.92
C ASP A 119 -7.61 2.97 15.28
N GLY A 120 -6.59 2.48 14.60
CA GLY A 120 -5.70 3.34 13.80
C GLY A 120 -4.61 4.05 14.58
N LYS A 121 -4.49 3.75 15.86
CA LYS A 121 -3.45 4.36 16.70
C LYS A 121 -2.48 3.31 17.18
N ASP A 122 -1.21 3.67 17.34
CA ASP A 122 -0.20 2.80 17.89
C ASP A 122 -0.72 2.18 19.16
N TYR A 123 -0.57 0.86 19.28
CA TYR A 123 -0.91 0.13 20.50
C TYR A 123 0.37 -0.43 21.15
N ILE A 124 0.94 -1.47 20.54
CA ILE A 124 2.21 -2.03 21.01
C ILE A 124 3.09 -2.42 19.82
N ALA A 125 4.42 -2.31 19.98
CA ALA A 125 5.34 -2.70 18.94
C ALA A 125 6.63 -3.25 19.55
N LEU A 126 7.23 -4.21 18.87
CA LEU A 126 8.57 -4.65 19.23
C LEU A 126 9.55 -3.53 18.91
N LYS A 127 10.52 -3.31 19.79
CA LYS A 127 11.61 -2.36 19.53
C LYS A 127 12.58 -2.96 18.52
N GLU A 128 13.48 -2.15 17.98
CA GLU A 128 14.37 -2.59 16.90
CA GLU A 128 14.42 -2.56 16.92
C GLU A 128 15.26 -3.77 17.31
N ASP A 129 15.63 -3.85 18.59
CA ASP A 129 16.44 -4.99 19.04
C ASP A 129 15.66 -6.31 19.15
N LEU A 130 14.34 -6.24 19.02
CA LEU A 130 13.45 -7.42 19.03
C LEU A 130 13.46 -8.10 20.39
N ARG A 131 13.82 -7.33 21.42
CA ARG A 131 13.95 -7.85 22.80
C ARG A 131 13.06 -7.17 23.83
N SER A 132 12.49 -6.02 23.46
CA SER A 132 11.60 -5.26 24.37
C SER A 132 10.47 -4.60 23.61
N TRP A 133 9.50 -4.07 24.36
CA TRP A 133 8.23 -3.59 23.80
C TRP A 133 8.01 -2.09 24.02
N THR A 134 7.43 -1.42 23.02
CA THR A 134 6.96 -0.04 23.17
C THR A 134 5.43 -0.08 23.26
N ALA A 135 4.91 0.29 24.43
CA ALA A 135 3.46 0.29 24.68
C ALA A 135 2.99 1.73 24.80
N ALA A 136 1.93 2.10 24.08
CA ALA A 136 1.56 3.51 23.94
C ALA A 136 0.77 4.11 25.10
N ASP A 137 0.00 3.27 25.78
CA ASP A 137 -0.84 3.74 26.88
C ASP A 137 -0.96 2.63 27.93
N MET A 138 -1.81 2.82 28.94
CA MET A 138 -1.87 1.83 30.03
C MET A 138 -2.56 0.52 29.62
N ALA A 139 -3.44 0.58 28.63
CA ALA A 139 -4.06 -0.64 28.06
C ALA A 139 -2.98 -1.49 27.36
N ALA A 140 -2.20 -0.86 26.48
CA ALA A 140 -1.07 -1.53 25.83
C ALA A 140 -0.07 -2.04 26.87
N GLN A 141 0.07 -1.30 27.97
CA GLN A 141 0.99 -1.74 29.03
C GLN A 141 0.52 -3.07 29.67
N THR A 142 -0.80 -3.27 29.74
CA THR A 142 -1.37 -4.52 30.26
C THR A 142 -0.94 -5.68 29.35
N THR A 143 -1.00 -5.44 28.04
CA THR A 143 -0.53 -6.44 27.06
C THR A 143 0.98 -6.67 27.19
N LYS A 144 1.73 -5.59 27.41
CA LYS A 144 3.19 -5.71 27.52
C LYS A 144 3.59 -6.61 28.69
N HIS A 145 2.96 -6.39 29.84
CA HIS A 145 3.22 -7.18 31.03
C HIS A 145 2.92 -8.65 30.76
N LYS A 146 1.79 -8.91 30.10
CA LYS A 146 1.40 -10.28 29.74
C LYS A 146 2.45 -10.93 28.84
N TRP A 147 2.90 -10.20 27.83
CA TRP A 147 3.83 -10.73 26.83
C TRP A 147 5.25 -10.90 27.39
N GLU A 148 5.61 -10.04 28.34
CA GLU A 148 6.88 -10.19 29.06
C GLU A 148 6.90 -11.46 29.93
N ALA A 149 5.81 -11.69 30.65
CA ALA A 149 5.67 -12.87 31.50
C ALA A 149 5.75 -14.18 30.69
N ALA A 150 5.20 -14.13 29.48
CA ALA A 150 5.12 -15.30 28.58
C ALA A 150 6.28 -15.40 27.59
N HIS A 151 7.24 -14.47 27.70
CA HIS A 151 8.46 -14.44 26.88
C HIS A 151 8.15 -14.45 25.38
N VAL A 152 7.15 -13.65 25.01
CA VAL A 152 6.67 -13.55 23.63
C VAL A 152 7.75 -13.05 22.69
N ALA A 153 8.51 -12.04 23.12
CA ALA A 153 9.50 -11.41 22.25
C ALA A 153 10.53 -12.40 21.70
N GLU A 154 10.95 -13.34 22.54
CA GLU A 154 11.92 -14.36 22.15
C GLU A 154 11.38 -15.28 21.04
N GLN A 155 10.10 -15.65 21.13
CA GLN A 155 9.45 -16.45 20.09
C GLN A 155 9.33 -15.67 18.77
N LEU A 156 9.00 -14.39 18.88
CA LEU A 156 8.88 -13.55 17.69
C LEU A 156 10.25 -13.32 17.03
N ARG A 157 11.26 -13.04 17.86
CA ARG A 157 12.63 -12.82 17.41
CA ARG A 157 12.61 -12.80 17.35
C ARG A 157 13.11 -13.99 16.55
N ALA A 158 12.92 -15.21 17.06
CA ALA A 158 13.36 -16.42 16.38
C ALA A 158 12.81 -16.53 14.94
N TYR A 159 11.53 -16.20 14.76
CA TYR A 159 10.93 -16.16 13.42
C TYR A 159 11.56 -15.05 12.56
N LEU A 160 11.69 -13.86 13.13
CA LEU A 160 12.10 -12.71 12.35
C LEU A 160 13.53 -12.83 11.82
N GLU A 161 14.38 -13.45 12.62
CA GLU A 161 15.80 -13.58 12.29
C GLU A 161 16.11 -14.87 11.54
N GLY A 162 15.18 -15.82 11.61
CA GLY A 162 15.36 -17.14 11.05
C GLY A 162 14.39 -17.44 9.92
N THR A 163 13.22 -17.93 10.29
CA THR A 163 12.20 -18.41 9.34
C THR A 163 11.85 -17.38 8.29
N CYS A 164 11.64 -16.15 8.73
CA CYS A 164 11.31 -15.02 7.85
C CYS A 164 12.36 -14.84 6.75
N VAL A 165 13.64 -14.82 7.15
CA VAL A 165 14.74 -14.63 6.21
C VAL A 165 14.88 -15.81 5.25
N GLU A 166 14.80 -17.03 5.79
CA GLU A 166 14.92 -18.27 5.01
C GLU A 166 13.89 -18.32 3.88
N TRP A 167 12.63 -17.98 4.18
CA TRP A 167 11.57 -18.02 3.18
C TRP A 167 11.63 -16.84 2.23
N LEU A 168 12.00 -15.65 2.73
CA LEU A 168 12.24 -14.52 1.83
C LEU A 168 13.25 -14.92 0.75
N ARG A 169 14.34 -15.56 1.16
CA ARG A 169 15.39 -16.04 0.25
CA ARG A 169 15.37 -15.99 0.21
C ARG A 169 14.83 -16.99 -0.81
N ARG A 170 13.95 -17.89 -0.37
CA ARG A 170 13.31 -18.85 -1.26
C ARG A 170 12.44 -18.15 -2.30
N TYR A 171 11.59 -17.25 -1.83
CA TYR A 171 10.71 -16.50 -2.71
C TYR A 171 11.50 -15.69 -3.75
N LEU A 172 12.57 -15.03 -3.30
CA LEU A 172 13.44 -14.23 -4.18
C LEU A 172 14.05 -15.07 -5.31
N GLU A 173 14.45 -16.29 -4.99
CA GLU A 173 14.98 -17.23 -6.00
CA GLU A 173 14.98 -17.19 -6.01
C GLU A 173 13.86 -17.70 -6.92
N ASN A 174 12.77 -18.17 -6.34
CA ASN A 174 11.64 -18.68 -7.12
C ASN A 174 10.98 -17.61 -8.02
N GLY A 175 10.94 -16.38 -7.54
CA GLY A 175 10.37 -15.28 -8.33
C GLY A 175 11.41 -14.41 -9.00
N LYS A 176 12.60 -14.95 -9.23
CA LYS A 176 13.75 -14.18 -9.76
C LYS A 176 13.38 -13.28 -10.94
N GLU A 177 12.58 -13.83 -11.85
CA GLU A 177 12.23 -13.18 -13.12
CA GLU A 177 12.24 -13.17 -13.13
C GLU A 177 11.65 -11.78 -12.92
N THR A 178 10.84 -11.62 -11.87
CA THR A 178 10.24 -10.31 -11.56
C THR A 178 10.81 -9.68 -10.29
N LEU A 179 10.92 -10.45 -9.20
CA LEU A 179 11.36 -9.87 -7.92
C LEU A 179 12.76 -9.27 -7.97
N GLN A 180 13.62 -9.85 -8.80
CA GLN A 180 14.99 -9.36 -8.89
C GLN A 180 15.22 -8.48 -10.13
N ARG A 181 14.14 -8.14 -10.83
CA ARG A 181 14.19 -7.24 -11.98
C ARG A 181 13.79 -5.83 -11.50
N THR A 182 14.57 -4.83 -11.90
CA THR A 182 14.18 -3.44 -11.66
C THR A 182 13.61 -2.83 -12.94
N ASP A 183 12.49 -2.14 -12.80
CA ASP A 183 11.87 -1.46 -13.92
C ASP A 183 12.10 0.03 -13.77
N ALA A 184 13.01 0.55 -14.59
CA ALA A 184 13.34 1.97 -14.62
C ALA A 184 12.12 2.78 -15.08
N PRO A 185 11.91 3.95 -14.48
CA PRO A 185 10.78 4.78 -14.87
C PRO A 185 10.89 5.25 -16.31
N LYS A 186 9.77 5.19 -17.01
CA LYS A 186 9.62 5.80 -18.33
CA LYS A 186 9.64 5.80 -18.33
C LYS A 186 9.22 7.25 -18.13
N THR A 187 10.08 8.17 -18.53
CA THR A 187 9.88 9.59 -18.21
C THR A 187 9.55 10.46 -19.41
N HIS A 188 8.74 11.49 -19.17
CA HIS A 188 8.40 12.49 -20.19
C HIS A 188 7.90 13.76 -19.50
N MET A 189 7.85 14.86 -20.24
CA MET A 189 7.37 16.10 -19.69
C MET A 189 6.22 16.62 -20.53
N THR A 190 5.22 17.21 -19.88
CA THR A 190 4.12 17.89 -20.58
C THR A 190 4.08 19.36 -20.17
N HIS A 191 3.36 20.16 -20.95
CA HIS A 191 3.31 21.60 -20.79
C HIS A 191 1.87 22.07 -20.95
N HIS A 192 1.41 22.95 -20.08
CA HIS A 192 0.08 23.55 -20.24
C HIS A 192 0.12 25.04 -19.97
N ALA A 193 -0.46 25.82 -20.88
CA ALA A 193 -0.56 27.26 -20.72
C ALA A 193 -1.80 27.58 -19.89
N VAL A 194 -1.61 28.16 -18.70
CA VAL A 194 -2.79 28.54 -17.90
C VAL A 194 -3.27 29.96 -18.25
N SER A 195 -2.33 30.85 -18.54
CA SER A 195 -2.62 32.21 -18.97
C SER A 195 -1.52 32.71 -19.91
N ASP A 196 -1.57 33.99 -20.24
CA ASP A 196 -0.53 34.64 -21.03
C ASP A 196 0.79 34.72 -20.26
N HIS A 197 0.69 34.63 -18.93
CA HIS A 197 1.83 34.87 -18.04
C HIS A 197 2.35 33.60 -17.37
N GLU A 198 1.53 32.55 -17.32
CA GLU A 198 1.83 31.39 -16.48
C GLU A 198 1.71 30.09 -17.27
N ALA A 199 2.63 29.17 -17.05
CA ALA A 199 2.56 27.82 -17.64
C ALA A 199 2.87 26.76 -16.58
N THR A 200 2.36 25.55 -16.79
CA THR A 200 2.71 24.42 -15.92
C THR A 200 3.53 23.41 -16.69
N LEU A 201 4.63 22.95 -16.07
CA LEU A 201 5.44 21.86 -16.59
C LEU A 201 5.23 20.68 -15.68
N ARG A 202 4.87 19.53 -16.25
CA ARG A 202 4.65 18.34 -15.44
C ARG A 202 5.61 17.24 -15.88
N CYS A 203 6.38 16.74 -14.90
CA CYS A 203 7.39 15.73 -15.16
C CYS A 203 6.86 14.38 -14.69
N TRP A 204 6.69 13.46 -15.64
CA TRP A 204 6.11 12.14 -15.38
C TRP A 204 7.13 11.02 -15.25
N ALA A 205 6.87 10.10 -14.31
CA ALA A 205 7.61 8.85 -14.22
C ALA A 205 6.57 7.73 -14.24
N LEU A 206 6.65 6.85 -15.22
CA LEU A 206 5.67 5.79 -15.35
C LEU A 206 6.30 4.40 -15.38
N SER A 207 5.47 3.40 -15.05
CA SER A 207 5.81 1.99 -15.24
CA SER A 207 5.79 1.98 -15.22
C SER A 207 7.07 1.55 -14.49
N PHE A 208 7.29 2.12 -13.29
CA PHE A 208 8.51 1.78 -12.53
C PHE A 208 8.28 0.80 -11.38
N TYR A 209 9.38 0.12 -11.02
CA TYR A 209 9.40 -0.84 -9.91
C TYR A 209 10.84 -1.01 -9.43
N PRO A 210 11.07 -0.96 -8.09
CA PRO A 210 10.14 -0.78 -6.97
C PRO A 210 9.54 0.63 -6.87
N ALA A 211 8.68 0.84 -5.88
CA ALA A 211 7.88 2.07 -5.77
C ALA A 211 8.71 3.29 -5.37
N GLU A 212 9.79 3.03 -4.64
CA GLU A 212 10.68 4.12 -4.17
C GLU A 212 11.29 4.91 -5.33
N ILE A 213 11.10 6.22 -5.29
CA ILE A 213 11.58 7.11 -6.34
C ILE A 213 11.74 8.52 -5.78
N THR A 214 12.61 9.31 -6.39
CA THR A 214 12.68 10.74 -6.09
C THR A 214 12.59 11.59 -7.36
N LEU A 215 11.65 12.54 -7.35
CA LEU A 215 11.45 13.48 -8.46
C LEU A 215 11.59 14.90 -7.94
N THR A 216 12.49 15.65 -8.54
CA THR A 216 12.75 17.02 -8.10
C THR A 216 12.86 17.96 -9.31
N TRP A 217 12.62 19.26 -9.06
CA TRP A 217 12.81 20.32 -10.06
C TRP A 217 14.00 21.18 -9.64
N GLN A 218 14.71 21.68 -10.66
CA GLN A 218 15.72 22.72 -10.48
C GLN A 218 15.43 23.90 -11.41
N ARG A 219 15.77 25.10 -10.97
CA ARG A 219 15.69 26.28 -11.84
C ARG A 219 17.10 26.81 -11.94
N ASP A 220 17.60 26.91 -13.17
CA ASP A 220 18.98 27.34 -13.42
C ASP A 220 19.98 26.55 -12.56
N GLY A 221 19.72 25.26 -12.39
CA GLY A 221 20.61 24.35 -11.66
C GLY A 221 20.54 24.36 -10.15
N GLU A 222 19.55 25.05 -9.58
CA GLU A 222 19.36 25.08 -8.12
CA GLU A 222 19.37 25.06 -8.12
C GLU A 222 18.00 24.47 -7.77
N ASP A 223 17.95 23.70 -6.68
CA ASP A 223 16.72 23.06 -6.25
C ASP A 223 15.57 24.07 -6.12
N GLN A 224 14.42 23.70 -6.67
CA GLN A 224 13.21 24.51 -6.60
C GLN A 224 12.04 23.71 -6.03
N THR A 225 11.50 24.15 -4.89
CA THR A 225 10.33 23.51 -4.28
C THR A 225 9.14 24.46 -4.21
N GLN A 226 9.40 25.76 -4.14
CA GLN A 226 8.31 26.73 -4.25
C GLN A 226 7.60 26.58 -5.60
N ASP A 227 6.27 26.73 -5.58
CA ASP A 227 5.44 26.64 -6.78
C ASP A 227 5.49 25.27 -7.46
N THR A 228 5.76 24.23 -6.66
CA THR A 228 5.77 22.85 -7.17
C THR A 228 4.67 22.04 -6.48
N GLU A 229 4.24 20.97 -7.14
CA GLU A 229 3.23 20.07 -6.59
C GLU A 229 3.68 18.66 -6.92
N LEU A 230 3.80 17.80 -5.90
CA LEU A 230 4.26 16.43 -6.05
C LEU A 230 3.15 15.48 -5.58
N VAL A 231 2.64 14.62 -6.48
CA VAL A 231 1.58 13.69 -6.09
C VAL A 231 2.16 12.46 -5.41
N GLU A 232 1.34 11.80 -4.60
CA GLU A 232 1.78 10.58 -3.95
C GLU A 232 1.92 9.49 -5.00
N THR A 233 2.95 8.68 -4.85
CA THR A 233 3.19 7.54 -5.74
C THR A 233 1.98 6.62 -5.74
N ARG A 234 1.54 6.21 -6.93
CA ARG A 234 0.29 5.47 -7.08
C ARG A 234 0.50 4.20 -7.92
N PRO A 235 -0.28 3.15 -7.65
CA PRO A 235 -0.16 1.91 -8.45
C PRO A 235 -0.78 2.05 -9.85
N ALA A 236 -0.08 1.53 -10.86
CA ALA A 236 -0.61 1.48 -12.22
C ALA A 236 -1.70 0.41 -12.34
N GLY A 237 -1.61 -0.64 -11.52
CA GLY A 237 -2.58 -1.73 -11.55
C GLY A 237 -2.02 -2.97 -12.22
N ASP A 238 -0.81 -2.86 -12.77
CA ASP A 238 -0.12 -3.98 -13.43
C ASP A 238 1.15 -4.41 -12.66
N GLY A 239 1.26 -3.93 -11.43
CA GLY A 239 2.42 -4.25 -10.57
C GLY A 239 3.44 -3.12 -10.52
N THR A 240 3.37 -2.19 -11.47
CA THR A 240 4.27 -1.04 -11.50
C THR A 240 3.61 0.19 -10.87
N PHE A 241 4.39 1.27 -10.77
CA PHE A 241 3.97 2.50 -10.12
C PHE A 241 4.13 3.74 -11.01
N GLN A 242 3.46 4.82 -10.61
CA GLN A 242 3.47 6.09 -11.33
C GLN A 242 3.66 7.23 -10.33
N LYS A 243 4.21 8.34 -10.81
CA LYS A 243 4.34 9.59 -10.03
C LYS A 243 4.60 10.75 -10.97
N TRP A 244 4.22 11.95 -10.53
CA TRP A 244 4.60 13.15 -11.26
C TRP A 244 4.87 14.30 -10.30
N VAL A 245 5.68 15.24 -10.78
CA VAL A 245 5.94 16.49 -10.11
C VAL A 245 5.73 17.62 -11.10
N ALA A 246 5.06 18.68 -10.67
CA ALA A 246 4.80 19.81 -11.56
C ALA A 246 5.35 21.11 -10.99
N VAL A 247 5.57 22.08 -11.87
CA VAL A 247 6.07 23.40 -11.45
C VAL A 247 5.33 24.46 -12.26
N VAL A 248 4.99 25.56 -11.61
CA VAL A 248 4.39 26.70 -12.28
C VAL A 248 5.51 27.69 -12.63
N VAL A 249 5.53 28.17 -13.88
CA VAL A 249 6.65 28.96 -14.39
C VAL A 249 6.13 30.16 -15.20
N PRO A 250 6.93 31.24 -15.29
CA PRO A 250 6.60 32.30 -16.22
C PRO A 250 6.65 31.79 -17.66
N SER A 251 5.59 32.05 -18.42
CA SER A 251 5.53 31.68 -19.83
C SER A 251 6.76 32.19 -20.54
N GLY A 252 7.40 31.32 -21.30
CA GLY A 252 8.62 31.67 -22.02
C GLY A 252 9.93 31.33 -21.34
N GLN A 253 9.88 30.96 -20.05
CA GLN A 253 11.10 30.69 -19.28
C GLN A 253 11.27 29.18 -18.99
N GLU A 254 10.56 28.37 -19.76
CA GLU A 254 10.54 26.91 -19.59
C GLU A 254 11.93 26.27 -19.58
N GLN A 255 12.85 26.82 -20.39
CA GLN A 255 14.21 26.26 -20.54
C GLN A 255 15.04 26.31 -19.25
N ARG A 256 14.66 27.18 -18.31
CA ARG A 256 15.40 27.29 -17.05
C ARG A 256 15.17 26.08 -16.15
N TYR A 257 14.12 25.31 -16.41
CA TYR A 257 13.64 24.31 -15.46
C TYR A 257 13.99 22.91 -15.95
N THR A 258 14.57 22.12 -15.06
CA THR A 258 14.93 20.74 -15.34
C THR A 258 14.34 19.83 -14.28
N CYS A 259 13.88 18.67 -14.73
CA CYS A 259 13.34 17.65 -13.82
C CYS A 259 14.40 16.58 -13.57
N HIS A 260 14.50 16.13 -12.33
CA HIS A 260 15.55 15.18 -11.94
C HIS A 260 14.96 13.92 -11.31
N VAL A 261 15.35 12.77 -11.87
CA VAL A 261 14.75 11.49 -11.50
C VAL A 261 15.80 10.53 -10.93
N GLN A 262 15.56 10.08 -9.71
CA GLN A 262 16.40 9.07 -9.05
C GLN A 262 15.59 7.80 -8.79
N HIS A 263 16.13 6.65 -9.21
CA HIS A 263 15.47 5.34 -9.01
C HIS A 263 16.52 4.23 -9.09
N GLU A 264 16.30 3.14 -8.35
CA GLU A 264 17.27 2.05 -8.30
CA GLU A 264 17.20 1.99 -8.29
C GLU A 264 17.54 1.44 -9.68
N GLY A 265 16.57 1.54 -10.59
CA GLY A 265 16.69 1.01 -11.95
C GLY A 265 17.45 1.87 -12.93
N LEU A 266 17.90 3.03 -12.47
CA LEU A 266 18.72 3.94 -13.28
C LEU A 266 20.17 4.01 -12.76
N PRO A 267 21.16 3.69 -13.62
CA PRO A 267 22.57 3.76 -13.25
C PRO A 267 22.94 5.14 -12.68
N LYS A 268 22.69 6.18 -13.47
CA LYS A 268 22.86 7.56 -13.07
C LYS A 268 21.48 8.22 -13.08
N PRO A 269 21.23 9.18 -12.16
CA PRO A 269 19.96 9.93 -12.21
C PRO A 269 19.71 10.55 -13.60
N LEU A 270 18.43 10.69 -13.94
CA LEU A 270 18.01 11.30 -15.19
C LEU A 270 17.73 12.79 -15.04
N THR A 271 18.03 13.54 -16.09
CA THR A 271 17.70 14.96 -16.17
C THR A 271 16.84 15.20 -17.41
N LEU A 272 15.66 15.78 -17.23
CA LEU A 272 14.74 16.11 -18.33
C LEU A 272 14.59 17.62 -18.50
N ARG A 273 14.36 18.06 -19.73
CA ARG A 273 14.13 19.47 -20.07
C ARG A 273 12.98 19.60 -21.06
N TRP A 274 12.23 20.70 -20.98
CA TRP A 274 11.18 20.99 -21.95
C TRP A 274 11.82 21.41 -23.28
N GLU A 275 11.42 20.74 -24.35
CA GLU A 275 12.05 20.89 -25.67
C GLU A 275 11.24 21.81 -26.58
N MET B 1 -12.25 8.12 18.74
CA MET B 1 -12.19 7.48 17.40
CA MET B 1 -12.21 7.48 17.39
C MET B 1 -11.66 8.45 16.35
N ILE B 2 -10.48 8.14 15.81
CA ILE B 2 -9.91 8.95 14.73
C ILE B 2 -10.72 8.71 13.48
N GLN B 3 -10.99 9.79 12.74
CA GLN B 3 -11.55 9.67 11.41
C GLN B 3 -10.71 10.49 10.44
N ARG B 4 -10.03 9.76 9.54
CA ARG B 4 -9.16 10.36 8.55
C ARG B 4 -9.84 10.27 7.20
N THR B 5 -9.92 11.39 6.48
CA THR B 5 -10.65 11.44 5.22
C THR B 5 -9.82 10.88 4.06
N PRO B 6 -10.45 10.14 3.13
CA PRO B 6 -9.64 9.61 2.02
C PRO B 6 -9.04 10.65 1.06
N LYS B 7 -7.80 10.43 0.66
CA LYS B 7 -7.19 11.11 -0.49
C LYS B 7 -7.57 10.34 -1.74
N ILE B 8 -7.80 11.05 -2.85
CA ILE B 8 -8.31 10.45 -4.08
C ILE B 8 -7.47 10.85 -5.29
N GLN B 9 -7.05 9.87 -6.07
CA GLN B 9 -6.48 10.13 -7.39
C GLN B 9 -7.24 9.31 -8.42
N VAL B 10 -7.65 9.97 -9.51
CA VAL B 10 -8.29 9.29 -10.65
CA VAL B 10 -8.26 9.26 -10.65
C VAL B 10 -7.36 9.41 -11.87
N TYR B 11 -7.06 8.30 -12.53
CA TYR B 11 -6.07 8.29 -13.58
C TYR B 11 -6.10 7.00 -14.42
N SER B 12 -5.50 7.06 -15.60
CA SER B 12 -5.42 5.88 -16.49
C SER B 12 -4.15 5.09 -16.20
N ARG B 13 -4.19 3.78 -16.46
CA ARG B 13 -3.02 2.93 -16.31
C ARG B 13 -1.93 3.29 -17.33
N HIS B 14 -2.35 3.55 -18.56
CA HIS B 14 -1.45 3.89 -19.67
C HIS B 14 -1.76 5.28 -20.18
N PRO B 15 -0.78 5.93 -20.85
CA PRO B 15 -1.09 7.27 -21.38
C PRO B 15 -2.31 7.20 -22.30
N ALA B 16 -3.22 8.14 -22.13
CA ALA B 16 -4.54 8.07 -22.74
C ALA B 16 -4.54 8.59 -24.17
N GLU B 17 -5.25 7.88 -25.04
CA GLU B 17 -5.53 8.35 -26.39
C GLU B 17 -6.97 8.01 -26.74
N ASN B 18 -7.68 8.99 -27.30
CA ASN B 18 -9.06 8.78 -27.70
C ASN B 18 -9.17 7.56 -28.61
N GLY B 19 -10.10 6.66 -28.27
CA GLY B 19 -10.37 5.47 -29.08
C GLY B 19 -9.47 4.28 -28.82
N LYS B 20 -8.48 4.44 -27.94
CA LYS B 20 -7.54 3.36 -27.62
C LYS B 20 -7.79 2.73 -26.23
N SER B 21 -7.73 1.40 -26.17
CA SER B 21 -8.11 0.63 -24.98
CA SER B 21 -8.10 0.63 -24.98
C SER B 21 -7.16 0.90 -23.80
N ASN B 22 -7.72 0.95 -22.59
CA ASN B 22 -6.97 1.39 -21.40
C ASN B 22 -7.66 0.87 -20.11
N PHE B 23 -7.23 1.40 -18.97
CA PHE B 23 -7.77 1.02 -17.66
C PHE B 23 -7.91 2.28 -16.83
N LEU B 24 -9.11 2.48 -16.26
CA LEU B 24 -9.38 3.61 -15.38
C LEU B 24 -9.18 3.17 -13.93
N ASN B 25 -8.43 3.99 -13.19
CA ASN B 25 -8.09 3.71 -11.79
C ASN B 25 -8.62 4.80 -10.89
N CYS B 26 -9.09 4.37 -9.72
CA CYS B 26 -9.35 5.29 -8.63
C CYS B 26 -8.61 4.76 -7.41
N TYR B 27 -7.57 5.50 -7.02
CA TYR B 27 -6.76 5.14 -5.88
C TYR B 27 -7.16 5.97 -4.66
N VAL B 28 -7.66 5.30 -3.62
CA VAL B 28 -8.05 5.97 -2.36
C VAL B 28 -7.10 5.57 -1.25
N SER B 29 -6.63 6.55 -0.47
CA SER B 29 -5.62 6.24 0.53
C SER B 29 -5.75 7.19 1.72
N GLY B 30 -5.05 6.88 2.81
CA GLY B 30 -4.97 7.80 3.95
C GLY B 30 -6.24 7.87 4.79
N PHE B 31 -7.11 6.88 4.64
CA PHE B 31 -8.41 6.89 5.31
C PHE B 31 -8.51 5.89 6.49
N HIS B 32 -9.40 6.21 7.42
CA HIS B 32 -9.68 5.40 8.60
C HIS B 32 -11.01 5.87 9.14
N PRO B 33 -11.94 4.94 9.46
CA PRO B 33 -11.86 3.48 9.39
C PRO B 33 -11.88 2.93 7.94
N SER B 34 -11.84 1.61 7.80
CA SER B 34 -11.65 0.95 6.50
C SER B 34 -12.89 0.90 5.59
N ASP B 35 -14.08 0.95 6.18
CA ASP B 35 -15.30 0.91 5.38
C ASP B 35 -15.38 2.13 4.46
N ILE B 36 -15.56 1.87 3.17
CA ILE B 36 -15.56 2.93 2.17
C ILE B 36 -16.38 2.50 0.95
N GLU B 37 -16.99 3.47 0.27
CA GLU B 37 -17.73 3.21 -0.97
C GLU B 37 -17.04 3.96 -2.10
N VAL B 38 -16.68 3.22 -3.15
CA VAL B 38 -16.01 3.80 -4.31
C VAL B 38 -16.72 3.29 -5.55
N ASP B 39 -17.16 4.22 -6.39
CA ASP B 39 -17.74 3.90 -7.69
C ASP B 39 -16.96 4.61 -8.79
N LEU B 40 -16.86 3.97 -9.95
CA LEU B 40 -16.34 4.63 -11.13
C LEU B 40 -17.51 5.00 -12.02
N LEU B 41 -17.52 6.23 -12.51
CA LEU B 41 -18.66 6.76 -13.28
C LEU B 41 -18.29 7.02 -14.73
N LYS B 42 -19.24 6.75 -15.63
CA LYS B 42 -19.13 7.18 -17.02
C LYS B 42 -20.33 8.08 -17.29
N ASN B 43 -20.07 9.34 -17.59
CA ASN B 43 -21.12 10.34 -17.79
C ASN B 43 -22.16 10.31 -16.67
N GLY B 44 -21.67 10.26 -15.43
CA GLY B 44 -22.50 10.32 -14.24
C GLY B 44 -23.12 9.01 -13.82
N GLU B 45 -22.98 7.99 -14.66
CA GLU B 45 -23.62 6.70 -14.40
C GLU B 45 -22.60 5.67 -13.87
N ARG B 46 -23.03 4.87 -12.90
CA ARG B 46 -22.16 3.88 -12.27
C ARG B 46 -21.72 2.78 -13.24
N ILE B 47 -20.41 2.61 -13.37
CA ILE B 47 -19.86 1.51 -14.17
C ILE B 47 -19.96 0.21 -13.39
N GLU B 48 -20.38 -0.85 -14.07
CA GLU B 48 -20.62 -2.14 -13.40
C GLU B 48 -19.40 -3.06 -13.41
N LYS B 49 -19.36 -3.97 -12.45
CA LYS B 49 -18.24 -4.93 -12.23
C LYS B 49 -16.82 -4.33 -12.30
N VAL B 50 -16.68 -3.18 -11.66
CA VAL B 50 -15.42 -2.58 -11.26
C VAL B 50 -14.79 -3.51 -10.19
N GLU B 51 -13.48 -3.73 -10.27
CA GLU B 51 -12.77 -4.57 -9.30
C GLU B 51 -11.93 -3.72 -8.33
N HIS B 52 -11.49 -4.32 -7.23
CA HIS B 52 -10.60 -3.61 -6.32
C HIS B 52 -9.50 -4.48 -5.69
N SER B 53 -8.43 -3.84 -5.26
CA SER B 53 -7.30 -4.54 -4.62
C SER B 53 -7.69 -5.01 -3.20
N ASP B 54 -6.88 -5.90 -2.64
CA ASP B 54 -7.09 -6.31 -1.26
C ASP B 54 -6.63 -5.22 -0.29
N LEU B 55 -7.47 -4.94 0.69
CA LEU B 55 -7.18 -3.93 1.71
C LEU B 55 -5.82 -4.09 2.40
N SER B 56 -5.05 -3.00 2.40
CA SER B 56 -3.76 -2.97 3.09
C SER B 56 -3.59 -1.58 3.68
N PHE B 57 -2.44 -1.32 4.31
CA PHE B 57 -2.25 -0.03 4.98
C PHE B 57 -0.78 0.38 5.05
N SER B 58 -0.58 1.67 5.30
CA SER B 58 0.74 2.29 5.37
C SER B 58 1.26 2.29 6.80
N LYS B 59 2.45 2.88 6.99
CA LYS B 59 3.08 2.91 8.31
C LYS B 59 2.28 3.66 9.38
N ASP B 60 1.54 4.68 8.96
CA ASP B 60 0.71 5.44 9.90
C ASP B 60 -0.65 4.81 10.16
N TRP B 61 -0.82 3.58 9.65
CA TRP B 61 -2.01 2.74 9.83
C TRP B 61 -3.20 3.12 8.93
N SER B 62 -3.01 4.11 8.05
CA SER B 62 -4.07 4.55 7.14
C SER B 62 -4.20 3.56 5.97
N PHE B 63 -5.44 3.35 5.54
CA PHE B 63 -5.73 2.31 4.57
C PHE B 63 -5.56 2.80 3.15
N TYR B 64 -5.36 1.86 2.21
CA TYR B 64 -5.38 2.20 0.79
C TYR B 64 -5.99 1.08 -0.03
N LEU B 65 -6.65 1.49 -1.12
CA LEU B 65 -7.32 0.58 -2.06
C LEU B 65 -7.25 1.14 -3.47
N LEU B 66 -7.08 0.27 -4.45
CA LEU B 66 -7.20 0.64 -5.88
C LEU B 66 -8.47 0.01 -6.45
N TYR B 67 -9.33 0.85 -7.04
CA TYR B 67 -10.50 0.38 -7.80
C TYR B 67 -10.23 0.61 -9.28
N TYR B 68 -10.66 -0.32 -10.12
CA TYR B 68 -10.28 -0.24 -11.53
C TYR B 68 -11.21 -1.00 -12.46
N THR B 69 -11.26 -0.52 -13.71
CA THR B 69 -12.02 -1.19 -14.75
C THR B 69 -11.42 -0.85 -16.11
N GLU B 70 -11.70 -1.70 -17.10
CA GLU B 70 -11.31 -1.42 -18.48
C GLU B 70 -12.10 -0.22 -18.99
N PHE B 71 -11.46 0.66 -19.76
CA PHE B 71 -12.17 1.75 -20.44
C PHE B 71 -11.49 2.20 -21.74
N THR B 72 -12.26 2.85 -22.61
CA THR B 72 -11.71 3.45 -23.82
C THR B 72 -12.06 4.93 -23.82
N PRO B 73 -11.08 5.79 -23.54
CA PRO B 73 -11.35 7.24 -23.54
C PRO B 73 -11.81 7.74 -24.91
N THR B 74 -12.64 8.78 -24.90
CA THR B 74 -13.05 9.50 -26.11
C THR B 74 -13.06 10.99 -25.76
N GLU B 75 -13.32 11.83 -26.76
CA GLU B 75 -13.39 13.28 -26.53
C GLU B 75 -14.64 13.67 -25.72
N LYS B 76 -15.76 13.04 -26.02
CA LYS B 76 -17.05 13.45 -25.43
C LYS B 76 -17.40 12.84 -24.06
N ASP B 77 -16.93 11.63 -23.79
CA ASP B 77 -17.25 10.95 -22.53
C ASP B 77 -16.48 11.52 -21.35
N GLU B 78 -17.19 11.72 -20.24
CA GLU B 78 -16.59 12.18 -19.00
CA GLU B 78 -16.62 12.19 -18.99
C GLU B 78 -16.54 11.03 -18.00
N TYR B 79 -15.37 10.84 -17.40
CA TYR B 79 -15.18 9.79 -16.40
C TYR B 79 -14.87 10.42 -15.07
N ALA B 80 -15.17 9.67 -14.01
CA ALA B 80 -15.04 10.17 -12.65
C ALA B 80 -14.98 9.03 -11.62
N CYS B 81 -14.54 9.36 -10.42
CA CYS B 81 -14.63 8.47 -9.27
C CYS B 81 -15.49 9.17 -8.21
N ARG B 82 -16.41 8.41 -7.63
CA ARG B 82 -17.28 8.92 -6.57
C ARG B 82 -16.98 8.16 -5.28
N VAL B 83 -16.56 8.89 -4.24
CA VAL B 83 -16.18 8.25 -2.97
C VAL B 83 -17.08 8.71 -1.81
N ASN B 84 -17.59 7.76 -1.04
CA ASN B 84 -18.24 8.10 0.23
C ASN B 84 -17.56 7.39 1.39
N HIS B 85 -17.50 8.07 2.52
CA HIS B 85 -16.82 7.60 3.70
C HIS B 85 -17.43 8.33 4.88
N VAL B 86 -17.32 7.75 6.08
CA VAL B 86 -17.92 8.34 7.28
C VAL B 86 -17.48 9.81 7.51
N THR B 87 -16.31 10.16 7.01
CA THR B 87 -15.76 11.51 7.15
C THR B 87 -16.37 12.52 6.18
N LEU B 88 -17.12 12.04 5.19
CA LEU B 88 -17.71 12.90 4.17
C LEU B 88 -19.22 13.06 4.37
N SER B 89 -19.67 14.32 4.46
CA SER B 89 -21.09 14.66 4.60
C SER B 89 -21.86 14.25 3.36
N GLN B 90 -21.27 14.52 2.19
CA GLN B 90 -21.80 14.05 0.92
C GLN B 90 -20.69 13.38 0.10
N PRO B 91 -21.06 12.50 -0.86
CA PRO B 91 -20.07 11.87 -1.75
C PRO B 91 -19.14 12.88 -2.44
N LYS B 92 -17.85 12.56 -2.46
CA LYS B 92 -16.87 13.37 -3.15
C LYS B 92 -16.66 12.81 -4.56
N ILE B 93 -16.73 13.68 -5.56
CA ILE B 93 -16.55 13.25 -6.95
C ILE B 93 -15.32 13.94 -7.54
N VAL B 94 -14.40 13.11 -8.05
CA VAL B 94 -13.21 13.64 -8.70
C VAL B 94 -13.21 13.19 -10.16
N LYS B 95 -13.12 14.17 -11.04
CA LYS B 95 -13.21 13.93 -12.47
C LYS B 95 -11.89 13.43 -13.00
N TRP B 96 -11.94 12.51 -13.96
CA TRP B 96 -10.72 12.11 -14.62
C TRP B 96 -10.23 13.20 -15.56
N ASP B 97 -8.97 13.56 -15.40
CA ASP B 97 -8.28 14.57 -16.20
C ASP B 97 -7.08 13.89 -16.83
N ARG B 98 -7.10 13.80 -18.16
CA ARG B 98 -6.06 13.18 -18.99
C ARG B 98 -4.64 13.61 -18.61
N ASP B 99 -4.51 14.84 -18.14
CA ASP B 99 -3.22 15.47 -17.90
C ASP B 99 -2.69 15.28 -16.47
N MET B 100 -3.36 14.44 -15.69
CA MET B 100 -3.02 14.25 -14.27
C MET B 100 -3.07 12.79 -13.84
N VAL C 1 6.28 -17.15 4.41
CA VAL C 1 5.49 -18.01 5.35
C VAL C 1 5.06 -17.23 6.61
N LEU C 2 3.81 -17.42 7.04
CA LEU C 2 3.31 -16.83 8.28
C LEU C 2 4.01 -17.44 9.49
C CIR C 3 3.51 -18.49 12.26
O CIR C 3 2.31 -18.53 11.92
CA CIR C 3 4.33 -17.26 11.96
N CIR C 3 4.02 -16.73 10.64
C3 CIR C 3 4.04 -16.22 13.03
C4 CIR C 3 5.01 -15.04 12.98
C5 CIR C 3 4.63 -14.06 14.09
N6 CIR C 3 5.26 -12.76 13.93
C7 CIR C 3 6.53 -12.48 14.22
O7 CIR C 3 6.93 -11.33 14.13
N8 CIR C 3 7.32 -13.47 14.62
N ASP C 4 4.12 -19.40 13.03
CA ASP C 4 3.42 -20.63 13.50
C ASP C 4 2.24 -20.34 14.42
N ASP C 5 2.35 -19.27 15.22
CA ASP C 5 1.32 -18.94 16.20
C ASP C 5 1.35 -17.47 16.62
N LEU C 6 0.22 -16.96 17.09
CA LEU C 6 0.16 -15.65 17.74
C LEU C 6 -0.52 -15.74 19.09
N LEU C 7 0.10 -15.18 20.12
CA LEU C 7 -0.49 -15.13 21.45
C LEU C 7 -1.45 -13.96 21.57
N GLU C 8 -2.54 -14.17 22.30
CA GLU C 8 -3.56 -13.16 22.54
C GLU C 8 -3.00 -11.99 23.36
N ALA C 9 -3.50 -10.79 23.09
CA ALA C 9 -3.14 -9.55 23.79
C ALA C 9 -3.73 -9.41 25.19
#